data_8ANV
#
_entry.id   8ANV
#
_cell.length_a   66.438
_cell.length_b   66.438
_cell.length_c   85.129
_cell.angle_alpha   90.000
_cell.angle_beta   90.000
_cell.angle_gamma   120.000
#
_symmetry.space_group_name_H-M   'P 32 2 1'
#
loop_
_entity.id
_entity.type
_entity.pdbx_description
1 polymer 'YopN. Phi3T_93'
2 polymer 'Arbitrium putative lysogeny regulator'
3 non-polymer 'CALCIUM ION'
4 non-polymer 'NICKEL (II) ION'
5 water water
#
loop_
_entity_poly.entity_id
_entity_poly.type
_entity_poly.pdbx_seq_one_letter_code
_entity_poly.pdbx_strand_id
1 'polypeptide(L)'
;SMTNNKYYTEENKKKVWKKHMIVLKFLEQPGISEAYLNYLQEEIHNDEWIGFENEFFEELTGKPVINVGDKIKATKQYSA
VH
;
A,B
2 'polypeptide(L)' SMKRALGKAISYEEMAKGYEEMAAINSIIAQEDNHLENEAEMIKTRYKTLAS C,F
#
# COMPACT_ATOMS: atom_id res chain seq x y z
N THR A 3 -6.39 9.78 19.21
CA THR A 3 -6.37 8.50 19.91
C THR A 3 -7.72 7.78 19.80
N ASN A 4 -8.81 8.54 19.64
CA ASN A 4 -10.16 8.00 19.49
C ASN A 4 -10.43 7.40 18.11
N ASN A 5 -9.42 7.33 17.25
CA ASN A 5 -9.60 6.75 15.92
C ASN A 5 -9.88 5.25 16.03
N LYS A 6 -10.85 4.77 15.26
CA LYS A 6 -11.17 3.36 15.19
C LYS A 6 -10.43 2.65 14.06
N TYR A 7 -10.19 3.34 12.96
CA TYR A 7 -9.62 2.74 11.75
C TYR A 7 -8.23 3.25 11.44
N TYR A 8 -8.02 4.57 11.47
CA TYR A 8 -6.71 5.17 11.24
C TYR A 8 -5.90 5.14 12.53
N THR A 9 -5.34 3.97 12.81
CA THR A 9 -4.64 3.67 14.06
C THR A 9 -3.21 3.29 13.78
N GLU A 10 -2.37 3.34 14.82
CA GLU A 10 -0.94 3.10 14.62
C GLU A 10 -0.66 1.65 14.27
N GLU A 11 -1.39 0.71 14.88
CA GLU A 11 -1.24 -0.68 14.48
C GLU A 11 -1.68 -0.88 13.04
N ASN A 12 -2.77 -0.23 12.63
CA ASN A 12 -3.22 -0.37 11.25
C ASN A 12 -2.24 0.29 10.27
N LYS A 13 -1.72 1.45 10.64
CA LYS A 13 -0.71 2.13 9.78
C LYS A 13 0.42 1.15 9.54
N LYS A 14 0.89 0.51 10.60
CA LYS A 14 1.96 -0.49 10.49
C LYS A 14 1.59 -1.59 9.50
N LYS A 15 0.39 -2.15 9.65
CA LYS A 15 -0.04 -3.23 8.75
C LYS A 15 -0.11 -2.74 7.31
N VAL A 16 -0.67 -1.55 7.10
CA VAL A 16 -0.78 -0.99 5.76
C VAL A 16 0.62 -0.80 5.15
N TRP A 17 1.56 -0.29 5.96
CA TRP A 17 2.92 -0.06 5.47
C TRP A 17 3.54 -1.36 4.97
N LYS A 18 3.38 -2.44 5.74
CA LYS A 18 3.98 -3.70 5.37
C LYS A 18 3.27 -4.28 4.16
N LYS A 19 1.94 -4.32 4.20
CA LYS A 19 1.18 -4.82 3.06
C LYS A 19 1.44 -3.96 1.83
N HIS A 20 1.70 -2.66 2.02
CA HIS A 20 2.06 -1.87 0.85
C HIS A 20 3.40 -2.30 0.27
N MET A 21 4.38 -2.62 1.13
CA MET A 21 5.63 -3.12 0.56
C MET A 21 5.40 -4.41 -0.21
N ILE A 22 4.55 -5.29 0.30
CA ILE A 22 4.27 -6.54 -0.40
C ILE A 22 3.71 -6.25 -1.79
N VAL A 23 2.80 -5.28 -1.87
CA VAL A 23 2.17 -4.95 -3.15
C VAL A 23 3.14 -4.23 -4.09
N LEU A 24 4.06 -3.43 -3.56
CA LEU A 24 5.00 -2.73 -4.43
C LEU A 24 5.87 -3.71 -5.20
N LYS A 25 6.31 -4.79 -4.55
CA LYS A 25 7.11 -5.77 -5.28
C LYS A 25 6.25 -6.50 -6.31
N PHE A 26 4.95 -6.65 -6.05
CA PHE A 26 4.06 -7.18 -7.07
C PHE A 26 4.01 -6.26 -8.29
N LEU A 27 3.97 -4.94 -8.07
CA LEU A 27 3.92 -4.01 -9.20
C LEU A 27 5.15 -4.11 -10.07
N GLU A 28 6.23 -4.67 -9.57
CA GLU A 28 7.41 -4.87 -10.38
C GLU A 28 7.31 -6.07 -11.30
N GLN A 29 6.36 -6.99 -11.05
CA GLN A 29 6.28 -8.21 -11.84
C GLN A 29 6.04 -7.86 -13.30
N PRO A 30 6.39 -8.76 -14.23
CA PRO A 30 6.32 -8.41 -15.66
C PRO A 30 4.91 -8.03 -16.08
N GLY A 31 4.78 -6.84 -16.68
CA GLY A 31 3.53 -6.38 -17.20
C GLY A 31 2.60 -5.77 -16.17
N ILE A 32 2.86 -5.99 -14.89
CA ILE A 32 2.00 -5.42 -13.87
C ILE A 32 2.21 -3.91 -13.84
N SER A 33 3.48 -3.51 -13.87
CA SER A 33 3.88 -2.13 -13.99
C SER A 33 3.06 -1.36 -15.03
N GLU A 34 3.11 -1.83 -16.29
CA GLU A 34 2.43 -1.11 -17.37
C GLU A 34 0.92 -1.13 -17.19
N ALA A 35 0.36 -2.22 -16.65
CA ALA A 35 -1.08 -2.26 -16.42
C ALA A 35 -1.49 -1.26 -15.34
N TYR A 36 -0.64 -1.11 -14.31
CA TYR A 36 -0.89 -0.12 -13.24
C TYR A 36 -0.85 1.30 -13.78
N LEU A 37 0.18 1.66 -14.55
CA LEU A 37 0.23 2.99 -15.15
C LEU A 37 -0.96 3.22 -16.09
N ASN A 38 -1.32 2.22 -16.89
CA ASN A 38 -2.53 2.31 -17.71
C ASN A 38 -3.78 2.54 -16.88
N TYR A 39 -3.90 1.88 -15.72
CA TYR A 39 -5.07 2.10 -14.87
C TYR A 39 -5.05 3.50 -14.27
N LEU A 40 -3.88 3.96 -13.83
CA LEU A 40 -3.78 5.35 -13.36
C LEU A 40 -4.20 6.33 -14.44
N GLN A 41 -3.78 6.09 -15.69
CA GLN A 41 -4.25 6.88 -16.82
C GLN A 41 -5.78 6.86 -16.92
N GLU A 42 -6.38 5.66 -16.92
CA GLU A 42 -7.84 5.57 -17.00
C GLU A 42 -8.52 6.34 -15.88
N GLU A 43 -7.89 6.46 -14.72
CA GLU A 43 -8.56 7.01 -13.55
C GLU A 43 -8.34 8.50 -13.33
N ILE A 44 -7.55 9.16 -14.18
CA ILE A 44 -7.05 10.50 -13.87
C ILE A 44 -8.18 11.53 -13.85
N HIS A 45 -9.27 11.30 -14.58
CA HIS A 45 -10.39 12.22 -14.65
C HIS A 45 -11.55 11.85 -13.72
N ASN A 46 -11.33 10.93 -12.78
CA ASN A 46 -12.42 10.31 -12.04
C ASN A 46 -12.67 11.03 -10.72
N ASP A 47 -13.92 11.44 -10.51
CA ASP A 47 -14.30 12.23 -9.33
C ASP A 47 -13.92 11.53 -8.02
N GLU A 48 -14.04 10.21 -7.96
CA GLU A 48 -13.79 9.52 -6.69
C GLU A 48 -12.37 9.73 -6.17
N TRP A 49 -11.46 10.25 -6.99
CA TRP A 49 -10.08 10.46 -6.58
C TRP A 49 -9.75 11.92 -6.29
N ILE A 50 -10.75 12.79 -6.04
CA ILE A 50 -10.42 14.12 -5.55
C ILE A 50 -9.79 14.01 -4.17
N GLY A 51 -8.73 14.79 -3.95
CA GLY A 51 -7.90 14.65 -2.78
C GLY A 51 -6.71 13.75 -2.95
N PHE A 52 -6.64 13.01 -4.06
CA PHE A 52 -5.55 12.08 -4.33
C PHE A 52 -4.67 12.54 -5.49
N GLU A 53 -4.70 13.84 -5.83
CA GLU A 53 -3.97 14.31 -7.01
C GLU A 53 -2.46 14.16 -6.84
N ASN A 54 -1.93 14.63 -5.72
CA ASN A 54 -0.49 14.52 -5.50
C ASN A 54 -0.03 13.07 -5.50
N GLU A 55 -0.83 12.16 -4.93
CA GLU A 55 -0.47 10.75 -4.92
C GLU A 55 -0.60 10.11 -6.29
N PHE A 56 -1.60 10.51 -7.08
CA PHE A 56 -1.65 10.06 -8.48
C PHE A 56 -0.42 10.54 -9.25
N PHE A 57 -0.05 11.80 -9.08
CA PHE A 57 1.09 12.38 -9.81
C PHE A 57 2.39 11.67 -9.41
N GLU A 58 2.60 11.50 -8.12
CA GLU A 58 3.84 10.83 -7.66
C GLU A 58 3.88 9.40 -8.24
N GLU A 59 2.75 8.71 -8.25
CA GLU A 59 2.72 7.31 -8.75
C GLU A 59 2.99 7.25 -10.24
N LEU A 60 2.42 8.19 -11.01
CA LEU A 60 2.57 8.16 -12.48
C LEU A 60 3.97 8.67 -12.87
N THR A 61 4.50 9.65 -12.14
CA THR A 61 5.78 10.28 -12.54
C THR A 61 6.99 9.45 -12.09
N GLY A 62 6.78 8.51 -11.18
CA GLY A 62 7.89 7.67 -10.68
C GLY A 62 8.50 8.30 -9.45
N LYS A 63 7.94 9.41 -9.01
CA LYS A 63 8.41 10.05 -7.76
C LYS A 63 8.27 9.02 -6.64
N PRO A 64 9.19 8.92 -5.64
CA PRO A 64 9.12 7.88 -4.61
C PRO A 64 7.84 7.79 -3.78
N VAL A 65 7.51 6.59 -3.29
CA VAL A 65 6.28 6.38 -2.50
C VAL A 65 6.40 7.20 -1.21
N ILE A 66 7.60 7.23 -0.63
CA ILE A 66 7.82 8.07 0.57
C ILE A 66 9.05 8.93 0.32
N ASN A 67 9.09 10.12 0.91
CA ASN A 67 10.29 10.96 0.78
C ASN A 67 10.91 11.10 2.17
N VAL A 68 12.25 11.01 2.26
CA VAL A 68 12.94 11.08 3.57
C VAL A 68 12.20 12.06 4.50
N MET B 2 17.30 9.45 21.49
CA MET B 2 16.55 8.59 20.53
C MET B 2 16.50 9.29 19.17
N THR B 3 16.73 8.54 18.08
CA THR B 3 16.75 9.16 16.74
C THR B 3 15.33 9.48 16.29
N ASN B 4 15.10 10.68 15.75
CA ASN B 4 13.77 10.99 15.19
C ASN B 4 13.65 10.22 13.88
N ASN B 5 12.49 9.66 13.57
CA ASN B 5 12.37 8.78 12.37
C ASN B 5 12.51 9.61 11.10
N LYS B 6 13.28 9.11 10.13
CA LYS B 6 13.50 9.80 8.86
C LYS B 6 12.59 9.30 7.75
N TYR B 7 12.15 8.05 7.81
CA TYR B 7 11.28 7.48 6.79
C TYR B 7 9.91 7.13 7.36
N TYR B 8 9.86 6.39 8.45
CA TYR B 8 8.60 6.06 9.10
C TYR B 8 8.03 7.24 9.87
N THR B 9 7.88 8.37 9.18
CA THR B 9 7.24 9.57 9.71
C THR B 9 5.73 9.51 9.51
N GLU B 10 5.00 10.32 10.28
CA GLU B 10 3.54 10.35 10.17
C GLU B 10 3.09 10.87 8.80
N GLU B 11 3.82 11.82 8.22
CA GLU B 11 3.43 12.31 6.89
C GLU B 11 3.60 11.22 5.84
N ASN B 12 4.58 10.34 6.01
CA ASN B 12 4.74 9.24 5.08
C ASN B 12 3.66 8.19 5.29
N LYS B 13 3.25 7.97 6.54
CA LYS B 13 2.17 7.02 6.79
C LYS B 13 0.90 7.43 6.07
N LYS B 14 0.65 8.75 6.01
CA LYS B 14 -0.53 9.24 5.30
C LYS B 14 -0.44 8.97 3.81
N LYS B 15 0.70 9.30 3.18
CA LYS B 15 0.82 9.09 1.74
C LYS B 15 0.76 7.62 1.39
N VAL B 16 1.43 6.76 2.16
CA VAL B 16 1.38 5.32 1.92
C VAL B 16 -0.05 4.80 2.06
N TRP B 17 -0.75 5.19 3.11
CA TRP B 17 -2.16 4.84 3.27
C TRP B 17 -2.97 5.23 2.02
N LYS B 18 -2.80 6.47 1.55
CA LYS B 18 -3.54 6.93 0.39
C LYS B 18 -3.09 6.19 -0.86
N LYS B 19 -1.79 6.01 -1.04
CA LYS B 19 -1.30 5.27 -2.20
C LYS B 19 -1.77 3.83 -2.15
N HIS B 20 -1.92 3.26 -0.95
CA HIS B 20 -2.39 1.89 -0.85
C HIS B 20 -3.84 1.78 -1.29
N MET B 21 -4.66 2.79 -0.99
CA MET B 21 -6.04 2.74 -1.47
C MET B 21 -6.09 2.76 -2.99
N ILE B 22 -5.19 3.49 -3.64
CA ILE B 22 -5.19 3.54 -5.09
C ILE B 22 -4.86 2.17 -5.66
N VAL B 23 -3.86 1.51 -5.09
CA VAL B 23 -3.49 0.17 -5.55
C VAL B 23 -4.56 -0.87 -5.23
N LEU B 24 -5.28 -0.72 -4.11
CA LEU B 24 -6.37 -1.66 -3.83
C LEU B 24 -7.38 -1.67 -4.96
N LYS B 25 -7.78 -0.48 -5.43
CA LYS B 25 -8.75 -0.45 -6.50
C LYS B 25 -8.15 -1.01 -7.78
N PHE B 26 -6.85 -0.84 -7.99
CA PHE B 26 -6.19 -1.47 -9.12
C PHE B 26 -6.30 -2.99 -9.05
N LEU B 27 -6.13 -3.57 -7.84
CA LEU B 27 -6.13 -5.02 -7.67
C LEU B 27 -7.49 -5.64 -8.00
N GLU B 28 -8.57 -4.85 -7.91
CA GLU B 28 -9.88 -5.32 -8.34
C GLU B 28 -10.04 -5.36 -9.86
N GLN B 29 -9.11 -4.78 -10.63
CA GLN B 29 -9.27 -4.74 -12.08
C GLN B 29 -9.20 -6.16 -12.63
N PRO B 30 -9.88 -6.43 -13.75
CA PRO B 30 -9.99 -7.82 -14.23
C PRO B 30 -8.63 -8.42 -14.49
N GLY B 31 -8.41 -9.62 -13.96
CA GLY B 31 -7.15 -10.31 -14.13
C GLY B 31 -6.10 -9.97 -13.09
N ILE B 32 -6.17 -8.78 -12.49
CA ILE B 32 -5.11 -8.37 -11.58
C ILE B 32 -5.14 -9.19 -10.30
N SER B 33 -6.31 -9.28 -9.67
CA SER B 33 -6.46 -10.12 -8.48
C SER B 33 -5.77 -11.48 -8.64
N GLU B 34 -6.16 -12.24 -9.67
CA GLU B 34 -5.65 -13.60 -9.81
C GLU B 34 -4.12 -13.62 -9.97
N ALA B 35 -3.56 -12.67 -10.74
CA ALA B 35 -2.11 -12.58 -10.85
C ALA B 35 -1.48 -12.15 -9.53
N TYR B 36 -2.19 -11.33 -8.75
CA TYR B 36 -1.70 -11.00 -7.41
C TYR B 36 -1.63 -12.26 -6.54
N LEU B 37 -2.72 -13.03 -6.50
CA LEU B 37 -2.72 -14.20 -5.61
C LEU B 37 -1.63 -15.19 -6.03
N ASN B 38 -1.44 -15.36 -7.34
CA ASN B 38 -0.34 -16.18 -7.81
C ASN B 38 1.00 -15.62 -7.39
N TYR B 39 1.14 -14.29 -7.37
CA TYR B 39 2.37 -13.68 -6.88
C TYR B 39 2.55 -13.94 -5.38
N LEU B 40 1.49 -13.82 -4.58
CA LEU B 40 1.60 -14.12 -3.15
C LEU B 40 1.98 -15.57 -2.91
N GLN B 41 1.47 -16.46 -3.75
CA GLN B 41 1.79 -17.89 -3.59
C GLN B 41 3.29 -18.14 -3.75
N GLU B 42 3.95 -17.42 -4.65
CA GLU B 42 5.41 -17.56 -4.80
C GLU B 42 6.14 -16.89 -3.65
N GLU B 43 5.79 -15.64 -3.37
CA GLU B 43 6.58 -14.81 -2.46
C GLU B 43 6.62 -15.37 -1.06
N ILE B 44 5.59 -16.08 -0.65
CA ILE B 44 5.47 -16.69 0.66
C ILE B 44 6.70 -17.55 0.96
N HIS B 45 7.36 -18.04 -0.09
CA HIS B 45 8.60 -18.82 0.03
C HIS B 45 9.87 -18.00 -0.20
N ASN B 46 9.75 -16.70 -0.41
CA ASN B 46 10.92 -15.87 -0.66
C ASN B 46 11.58 -15.53 0.66
N ASP B 47 12.84 -15.91 0.83
CA ASP B 47 13.51 -15.78 2.12
C ASP B 47 13.93 -14.33 2.44
N GLU B 48 13.58 -13.35 1.62
CA GLU B 48 13.92 -11.96 1.89
C GLU B 48 12.88 -11.24 2.74
N TRP B 49 11.77 -11.89 3.04
CA TRP B 49 10.66 -11.30 3.79
C TRP B 49 10.70 -11.86 5.21
N ILE B 50 11.36 -11.13 6.10
CA ILE B 50 11.50 -11.51 7.50
C ILE B 50 10.47 -10.72 8.30
N GLY B 51 9.52 -11.42 8.90
CA GLY B 51 8.53 -10.78 9.76
C GLY B 51 7.23 -10.42 9.10
N PHE B 52 7.02 -10.85 7.85
CA PHE B 52 5.85 -10.50 7.06
C PHE B 52 4.86 -11.65 6.94
N GLU B 53 5.12 -12.77 7.61
CA GLU B 53 4.36 -13.99 7.37
C GLU B 53 2.87 -13.78 7.63
N ASN B 54 2.52 -13.13 8.74
CA ASN B 54 1.12 -12.90 9.03
C ASN B 54 0.47 -12.03 7.97
N GLU B 55 1.21 -11.03 7.46
CA GLU B 55 0.68 -10.16 6.41
C GLU B 55 0.52 -10.93 5.10
N PHE B 56 1.51 -11.75 4.73
CA PHE B 56 1.37 -12.54 3.52
C PHE B 56 0.12 -13.42 3.58
N PHE B 57 -0.18 -13.99 4.73
CA PHE B 57 -1.31 -14.90 4.75
C PHE B 57 -2.64 -14.18 4.94
N GLU B 58 -2.66 -13.05 5.64
CA GLU B 58 -3.85 -12.22 5.63
C GLU B 58 -4.25 -11.87 4.20
N GLU B 59 -3.27 -11.56 3.36
CA GLU B 59 -3.55 -11.15 1.98
C GLU B 59 -3.96 -12.34 1.14
N LEU B 60 -3.24 -13.45 1.26
CA LEU B 60 -3.54 -14.62 0.46
C LEU B 60 -4.94 -15.15 0.75
N THR B 61 -5.33 -15.14 2.03
CA THR B 61 -6.62 -15.69 2.42
C THR B 61 -7.73 -14.65 2.41
N GLY B 62 -7.48 -13.46 1.86
CA GLY B 62 -8.57 -12.52 1.67
C GLY B 62 -9.02 -11.78 2.91
N LYS B 63 -8.26 -11.82 4.00
CA LYS B 63 -8.55 -11.04 5.20
C LYS B 63 -8.50 -9.55 4.88
N PRO B 64 -9.20 -8.73 5.67
CA PRO B 64 -9.20 -7.27 5.44
C PRO B 64 -7.82 -6.68 5.67
N VAL B 65 -7.55 -5.57 4.97
CA VAL B 65 -6.21 -4.97 5.05
C VAL B 65 -5.95 -4.44 6.45
N ILE B 66 -6.92 -3.77 7.06
CA ILE B 66 -6.76 -3.26 8.41
C ILE B 66 -7.76 -3.98 9.32
N ASN B 67 -7.61 -3.76 10.62
CA ASN B 67 -8.44 -4.41 11.61
C ASN B 67 -9.10 -3.37 12.50
N VAL B 68 -10.43 -3.37 12.53
CA VAL B 68 -11.21 -2.51 13.41
C VAL B 68 -10.69 -2.57 14.85
N ILE C 10 -14.59 -3.62 0.13
CA ILE C 10 -14.77 -4.35 1.38
C ILE C 10 -13.72 -3.85 2.40
N SER C 11 -12.49 -4.38 2.26
CA SER C 11 -11.35 -3.82 2.98
C SER C 11 -11.01 -2.43 2.47
N TYR C 12 -11.44 -2.08 1.26
CA TYR C 12 -11.26 -0.71 0.81
C TYR C 12 -12.12 0.25 1.63
N GLU C 13 -13.34 -0.13 2.00
CA GLU C 13 -14.17 0.81 2.75
C GLU C 13 -13.61 1.03 4.15
N GLU C 14 -12.95 0.03 4.70
CA GLU C 14 -12.23 0.23 5.96
C GLU C 14 -11.09 1.22 5.77
N MET C 15 -10.33 1.08 4.68
CA MET C 15 -9.30 2.06 4.35
C MET C 15 -9.91 3.45 4.26
N ALA C 16 -11.03 3.57 3.56
CA ALA C 16 -11.66 4.86 3.33
C ALA C 16 -12.12 5.47 4.65
N LYS C 17 -12.63 4.64 5.55
CA LYS C 17 -13.06 5.15 6.85
C LYS C 17 -11.87 5.66 7.67
N GLY C 18 -10.74 4.95 7.58
CA GLY C 18 -9.52 5.48 8.20
C GLY C 18 -9.08 6.80 7.59
N TYR C 19 -9.19 6.91 6.26
CA TYR C 19 -8.83 8.14 5.56
C TYR C 19 -9.69 9.31 6.04
N GLU C 20 -11.00 9.12 6.10
CA GLU C 20 -11.87 10.17 6.64
C GLU C 20 -11.59 10.43 8.11
N GLU C 21 -11.02 9.45 8.82
CA GLU C 21 -10.56 9.69 10.18
C GLU C 21 -9.27 10.50 10.24
N MET C 22 -8.52 10.59 9.14
CA MET C 22 -7.29 11.39 9.13
C MET C 22 -7.59 12.85 9.47
N ALA C 23 -8.42 13.49 8.66
CA ALA C 23 -8.76 14.90 8.85
C ALA C 23 -10.27 15.08 8.89
N SER D 11 12.46 3.24 -4.11
CA SER D 11 11.48 3.65 -3.07
C SER D 11 11.14 2.45 -2.19
N TYR D 12 11.18 1.23 -2.76
CA TYR D 12 10.99 0.03 -1.92
C TYR D 12 12.10 0.04 -0.86
N GLU D 13 13.30 0.44 -1.28
CA GLU D 13 14.45 0.52 -0.34
C GLU D 13 14.11 1.51 0.77
N GLU D 14 13.47 2.62 0.42
CA GLU D 14 13.11 3.66 1.42
C GLU D 14 12.02 3.11 2.34
N MET D 15 11.03 2.41 1.78
CA MET D 15 9.97 1.80 2.63
C MET D 15 10.63 0.76 3.54
N ALA D 16 11.64 0.08 3.03
CA ALA D 16 12.37 -0.92 3.86
C ALA D 16 13.06 -0.19 5.01
N LYS D 17 13.73 0.92 4.71
CA LYS D 17 14.40 1.71 5.77
C LYS D 17 13.32 2.15 6.75
N GLY D 18 12.17 2.57 6.23
CA GLY D 18 11.11 2.93 7.16
C GLY D 18 10.67 1.76 7.99
N TYR D 19 10.76 0.54 7.45
CA TYR D 19 10.50 -0.66 8.24
C TYR D 19 11.59 -0.88 9.29
N GLU D 20 12.84 -0.58 8.94
CA GLU D 20 13.92 -0.69 9.92
C GLU D 20 13.71 0.22 11.12
N GLU D 21 12.89 1.27 10.97
CA GLU D 21 12.61 2.20 12.05
C GLU D 21 11.43 1.79 12.92
N MET D 22 10.71 0.73 12.57
CA MET D 22 9.71 0.20 13.50
C MET D 22 10.34 -0.67 14.59
N ALA D 23 11.65 -0.90 14.50
CA ALA D 23 12.48 -1.56 15.52
C ALA D 23 11.75 -2.64 16.32
#